data_6TIB
#
_entry.id   6TIB
#
_cell.length_a   95.642
_cell.length_b   63.592
_cell.length_c   87.741
_cell.angle_alpha   90.000
_cell.angle_beta   90.000
_cell.angle_gamma   90.000
#
_symmetry.space_group_name_H-M   'P 21 21 2'
#
loop_
_entity.id
_entity.type
_entity.pdbx_description
1 polymer 'Ferulic acid decarboxylase 1'
2 non-polymer 'MANGANESE (II) ION'
3 non-polymer 'POTASSIUM ION'
4 non-polymer 'hydroxylated prenyl-FMN'
5 non-polymer 'naphthalene-2-carboxylic acid'
6 non-polymer DI(HYDROXYETHYL)ETHER
7 water water
#
_entity_poly.entity_id   1
_entity_poly.type   'polypeptide(L)'
_entity_poly.pdbx_seq_one_letter_code
;MSAQPAHLCFRSFVEALKVDNDLVEINTPIDPNLEAAAITRRVCETNDKAPLFNNLIGMKNGLFRILGAPGSLRKSSADR
YGRLARHLALPPTASMREILDKMLSASDMPPIPPTIVPTGPCKENSLDDSEFDLTELPVPLIHKSDGGKYIQTYGMHIVQ
SPDGTWTNWSIARAMVHDKNHLTGLVIPPQHIWQIHQMWKKEGRSDVPWALAFGVPPAAIMASSMPIPDGVTEAGYVGAM
TGSSLELVKCDTNDLYVPATSEIVLEGTLSISETGPEGPFGEMHGYIFPGDTHLGAKYKVNRITYRNNAIMPMSSCGRLT
DETHTMSGSLAAAEIRKLCQQNDLPITDAFAPFESQVTWVALRVDTEKLRAMKTTSEGFRKRVGDVVFNHKAGYTIHRLV
LVGDDIDVYEGKDVLWAFSTRCRPGMDETLFEDVRGFPLIPYMGHGNGPAHRGGKVVSDALMPTEYTTGRNWEAADFNQS
YPEDLKQKVLDNWTKMGFSNLEHHHHHH
;
_entity_poly.pdbx_strand_id   AAA
#
loop_
_chem_comp.id
_chem_comp.type
_chem_comp.name
_chem_comp.formula
BYN non-polymer 'hydroxylated prenyl-FMN' 'C22 H31 N4 O10 P'
FIV non-polymer 'naphthalene-2-carboxylic acid' 'C11 H8 O2'
K non-polymer 'POTASSIUM ION' 'K 1'
MN non-polymer 'MANGANESE (II) ION' 'Mn 2'
PEG non-polymer DI(HYDROXYETHYL)ETHER 'C4 H10 O3'
#
# COMPACT_ATOMS: atom_id res chain seq x y z
N GLN A 4 -8.64 20.57 -11.84
CA GLN A 4 -8.08 20.09 -10.47
C GLN A 4 -6.99 19.04 -10.70
N PRO A 5 -5.78 19.17 -10.15
CA PRO A 5 -4.69 18.32 -10.58
C PRO A 5 -4.87 16.84 -10.25
N ALA A 6 -4.23 16.02 -11.08
CA ALA A 6 -4.35 14.53 -10.97
C ALA A 6 -4.10 14.02 -9.56
N HIS A 7 -3.09 14.56 -8.88
CA HIS A 7 -2.75 14.02 -7.54
C HIS A 7 -3.77 14.46 -6.47
N LEU A 8 -4.61 15.45 -6.79
CA LEU A 8 -5.62 15.99 -5.85
C LEU A 8 -7.03 15.62 -6.21
N CYS A 9 -7.28 14.93 -7.29
CA CYS A 9 -8.62 14.67 -7.74
C CYS A 9 -8.63 13.36 -8.51
N PHE A 10 -9.37 12.36 -8.03
CA PHE A 10 -9.39 11.06 -8.71
C PHE A 10 -9.88 11.13 -10.13
N ARG A 11 -10.89 11.94 -10.41
CA ARG A 11 -11.40 12.01 -11.76
C ARG A 11 -10.33 12.55 -12.69
N SER A 12 -9.55 13.52 -12.24
CA SER A 12 -8.41 14.04 -13.01
C SER A 12 -7.32 12.97 -13.18
N PHE A 13 -7.07 12.17 -12.16
CA PHE A 13 -6.11 11.05 -12.22
C PHE A 13 -6.51 10.07 -13.32
N VAL A 14 -7.78 9.74 -13.42
CA VAL A 14 -8.23 8.82 -14.50
C VAL A 14 -7.88 9.45 -15.85
N GLU A 15 -8.19 10.74 -16.03
N GLU A 15 -8.18 10.72 -16.01
CA GLU A 15 -7.85 11.43 -17.28
CA GLU A 15 -7.87 11.42 -17.25
C GLU A 15 -6.35 11.40 -17.52
C GLU A 15 -6.35 11.44 -17.51
N ALA A 16 -5.55 11.55 -16.48
CA ALA A 16 -4.10 11.49 -16.63
C ALA A 16 -3.68 10.12 -17.15
N LEU A 17 -4.21 9.05 -16.61
CA LEU A 17 -3.86 7.73 -17.11
C LEU A 17 -4.25 7.59 -18.57
N LYS A 18 -5.44 8.07 -18.94
N LYS A 18 -5.37 8.19 -18.96
CA LYS A 18 -5.84 8.00 -20.35
CA LYS A 18 -5.81 8.17 -20.37
C LYS A 18 -4.78 8.73 -21.18
C LYS A 18 -4.77 8.87 -21.23
N VAL A 19 -4.50 9.96 -20.86
N VAL A 19 -4.34 10.05 -20.87
CA VAL A 19 -3.56 10.81 -21.63
CA VAL A 19 -3.47 10.79 -21.81
C VAL A 19 -2.19 10.14 -21.71
C VAL A 19 -2.05 10.22 -21.70
N ASP A 20 -1.74 9.45 -20.66
CA ASP A 20 -0.48 8.69 -20.60
C ASP A 20 -0.49 7.44 -21.51
N ASN A 21 -1.61 7.11 -22.11
CA ASN A 21 -1.76 5.85 -22.82
C ASN A 21 -1.50 4.69 -21.86
N ASP A 22 -2.07 4.84 -20.62
CA ASP A 22 -1.92 3.88 -19.54
C ASP A 22 -3.25 3.38 -19.08
N LEU A 23 -4.28 3.52 -19.90
N LEU A 23 -4.23 3.36 -19.96
CA LEU A 23 -5.69 3.18 -19.58
CA LEU A 23 -5.61 3.04 -19.54
C LEU A 23 -6.28 2.43 -20.77
C LEU A 23 -6.42 2.53 -20.74
N VAL A 24 -7.10 1.44 -20.51
CA VAL A 24 -7.98 0.80 -21.52
C VAL A 24 -9.40 1.05 -21.05
N GLU A 25 -10.16 1.77 -21.86
CA GLU A 25 -11.58 1.98 -21.57
C GLU A 25 -12.39 0.85 -22.18
N ILE A 26 -13.04 0.05 -21.37
N ILE A 26 -13.16 0.16 -21.39
CA ILE A 26 -13.92 -1.05 -21.81
CA ILE A 26 -13.94 -1.01 -21.81
C ILE A 26 -15.31 -0.47 -21.72
C ILE A 26 -15.40 -0.63 -21.71
N ASN A 27 -15.98 -0.34 -22.87
CA ASN A 27 -17.29 0.31 -22.96
C ASN A 27 -18.43 -0.68 -23.20
N THR A 28 -18.07 -1.96 -23.39
CA THR A 28 -19.04 -3.05 -23.53
C THR A 28 -19.33 -3.68 -22.15
N PRO A 29 -20.44 -4.41 -21.99
CA PRO A 29 -20.79 -4.86 -20.63
C PRO A 29 -19.78 -5.84 -20.07
N ILE A 30 -19.38 -5.59 -18.83
CA ILE A 30 -18.47 -6.46 -18.07
C ILE A 30 -19.15 -6.86 -16.77
N ASP A 31 -19.01 -8.10 -16.39
CA ASP A 31 -19.71 -8.63 -15.19
C ASP A 31 -18.85 -8.31 -13.96
N PRO A 32 -19.42 -7.63 -12.93
CA PRO A 32 -18.71 -7.50 -11.66
C PRO A 32 -18.52 -8.85 -10.97
N ASN A 33 -19.33 -9.85 -11.29
CA ASN A 33 -19.08 -11.21 -10.78
C ASN A 33 -17.86 -11.77 -11.54
N LEU A 34 -16.68 -11.61 -10.95
CA LEU A 34 -15.39 -12.16 -11.36
C LEU A 34 -14.79 -11.57 -12.63
N GLU A 35 -15.56 -11.23 -13.63
CA GLU A 35 -14.95 -10.82 -14.90
C GLU A 35 -14.10 -9.57 -14.78
N ALA A 36 -14.64 -8.51 -14.11
CA ALA A 36 -13.84 -7.28 -13.96
C ALA A 36 -12.51 -7.57 -13.25
N ALA A 37 -12.64 -8.35 -12.15
CA ALA A 37 -11.46 -8.65 -11.34
C ALA A 37 -10.48 -9.60 -12.09
N ALA A 38 -11.00 -10.48 -12.93
CA ALA A 38 -10.11 -11.38 -13.71
C ALA A 38 -9.28 -10.59 -14.69
N ILE A 39 -9.96 -9.68 -15.39
CA ILE A 39 -9.23 -8.78 -16.29
C ILE A 39 -8.17 -8.01 -15.52
N THR A 40 -8.57 -7.43 -14.39
CA THR A 40 -7.66 -6.66 -13.55
C THR A 40 -6.48 -7.54 -13.06
N ARG A 41 -6.79 -8.74 -12.67
CA ARG A 41 -5.71 -9.65 -12.17
C ARG A 41 -4.70 -9.89 -13.27
N ARG A 42 -5.20 -10.17 -14.49
N ARG A 42 -5.15 -10.13 -14.51
CA ARG A 42 -4.35 -10.41 -15.67
CA ARG A 42 -4.20 -10.39 -15.60
C ARG A 42 -3.49 -9.17 -15.92
C ARG A 42 -3.43 -9.12 -15.95
N VAL A 43 -4.10 -7.97 -15.82
CA VAL A 43 -3.34 -6.71 -15.98
C VAL A 43 -2.18 -6.66 -14.98
N CYS A 44 -2.50 -6.93 -13.70
CA CYS A 44 -1.51 -6.86 -12.65
C CYS A 44 -0.36 -7.89 -12.80
N GLU A 45 -0.73 -9.07 -13.33
CA GLU A 45 0.28 -10.11 -13.53
C GLU A 45 1.17 -9.83 -14.72
N THR A 46 0.76 -8.93 -15.60
CA THR A 46 1.48 -8.67 -16.85
C THR A 46 1.88 -7.22 -16.97
N ASN A 47 1.65 -6.39 -15.95
CA ASN A 47 1.99 -4.97 -15.95
C ASN A 47 1.33 -4.21 -17.15
N ASP A 48 0.11 -4.58 -17.46
CA ASP A 48 -0.61 -3.95 -18.59
C ASP A 48 -1.24 -2.63 -18.12
N LYS A 49 -1.92 -1.97 -19.04
CA LYS A 49 -2.63 -0.71 -18.80
C LYS A 49 -3.78 -0.96 -17.84
N ALA A 50 -4.11 0.10 -17.05
CA ALA A 50 -5.22 0.02 -16.11
C ALA A 50 -6.54 -0.10 -16.85
N PRO A 51 -7.45 -0.98 -16.43
CA PRO A 51 -8.75 -1.11 -17.07
C PRO A 51 -9.77 -0.19 -16.42
N LEU A 52 -10.50 0.57 -17.25
CA LEU A 52 -11.66 1.34 -16.79
C LEU A 52 -12.91 0.69 -17.35
N PHE A 53 -13.72 0.13 -16.51
CA PHE A 53 -14.97 -0.57 -16.86
C PHE A 53 -16.09 0.49 -16.83
N ASN A 54 -16.44 1.00 -18.00
CA ASN A 54 -17.46 2.03 -18.13
C ASN A 54 -18.86 1.45 -18.22
N ASN A 55 -19.02 0.15 -18.35
CA ASN A 55 -20.30 -0.47 -18.64
C ASN A 55 -20.37 -1.74 -17.81
N LEU A 56 -20.66 -1.58 -16.51
N LEU A 56 -20.66 -1.57 -16.51
CA LEU A 56 -20.56 -2.66 -15.50
CA LEU A 56 -20.78 -2.72 -15.60
C LEU A 56 -21.96 -3.24 -15.26
C LEU A 56 -22.18 -3.23 -15.63
N ILE A 57 -22.20 -4.52 -15.57
CA ILE A 57 -23.51 -5.21 -15.45
C ILE A 57 -23.97 -4.99 -14.00
N GLY A 58 -25.13 -4.38 -13.85
CA GLY A 58 -25.75 -4.08 -12.56
C GLY A 58 -25.59 -2.63 -12.17
N MET A 59 -24.80 -1.79 -12.87
N MET A 59 -25.02 -1.81 -13.04
CA MET A 59 -24.73 -0.31 -12.62
CA MET A 59 -24.96 -0.37 -12.74
C MET A 59 -26.11 0.32 -12.80
C MET A 59 -26.39 0.13 -12.62
N LYS A 60 -26.57 1.08 -11.78
CA LYS A 60 -27.92 1.68 -11.71
C LYS A 60 -27.80 3.11 -11.22
N ASN A 61 -28.38 4.09 -11.95
CA ASN A 61 -28.46 5.49 -11.47
C ASN A 61 -27.10 6.04 -11.09
N GLY A 62 -26.10 5.62 -11.84
CA GLY A 62 -24.77 6.21 -11.70
C GLY A 62 -23.85 5.39 -10.82
N LEU A 63 -24.32 4.34 -10.14
CA LEU A 63 -23.42 3.54 -9.28
C LEU A 63 -23.23 2.16 -9.91
N PHE A 64 -22.02 1.86 -10.43
CA PHE A 64 -20.83 2.66 -10.56
C PHE A 64 -20.01 2.03 -11.70
N ARG A 65 -19.06 2.80 -12.21
CA ARG A 65 -17.98 2.29 -13.08
C ARG A 65 -16.89 1.74 -12.17
N ILE A 66 -15.93 0.97 -12.73
CA ILE A 66 -14.78 0.49 -11.92
C ILE A 66 -13.49 0.88 -12.62
N LEU A 67 -12.50 1.34 -11.88
CA LEU A 67 -11.11 1.42 -12.34
C LEU A 67 -10.31 0.36 -11.63
N GLY A 68 -9.76 -0.60 -12.38
CA GLY A 68 -8.90 -1.60 -11.77
C GLY A 68 -7.44 -1.16 -11.80
N ALA A 69 -6.61 -1.82 -10.99
CA ALA A 69 -5.16 -1.66 -11.01
C ALA A 69 -4.71 -0.21 -10.94
N PRO A 70 -5.28 0.62 -9.99
CA PRO A 70 -4.93 2.05 -9.99
C PRO A 70 -3.51 2.40 -9.61
N GLY A 71 -2.85 1.43 -8.88
CA GLY A 71 -1.48 1.68 -8.37
C GLY A 71 -0.49 0.57 -8.76
N SER A 72 -0.81 -0.13 -9.84
CA SER A 72 0.04 -1.26 -10.27
C SER A 72 1.09 -0.77 -11.24
N LEU A 73 1.91 -1.70 -11.75
CA LEU A 73 3.12 -1.38 -12.49
C LEU A 73 2.84 -1.27 -13.99
N ARG A 74 3.67 -0.43 -14.61
CA ARG A 74 3.73 -0.37 -16.08
C ARG A 74 4.83 -1.28 -16.60
N LYS A 75 4.70 -1.65 -17.87
CA LYS A 75 5.52 -2.70 -18.48
C LYS A 75 6.96 -2.16 -18.61
N SER A 76 7.12 -0.93 -19.06
N SER A 76 7.14 -0.95 -19.12
CA SER A 76 8.48 -0.41 -19.33
CA SER A 76 8.53 -0.48 -19.41
C SER A 76 9.25 -0.23 -18.04
C SER A 76 9.27 -0.15 -18.11
N SER A 77 10.56 -0.42 -18.09
CA SER A 77 11.45 -0.07 -16.96
C SER A 77 11.45 1.43 -16.72
N ALA A 78 11.45 2.20 -17.79
CA ALA A 78 11.65 3.65 -17.67
C ALA A 78 10.51 4.33 -16.93
N ASP A 79 9.28 3.84 -17.01
CA ASP A 79 8.16 4.46 -16.28
C ASP A 79 7.41 3.38 -15.51
N ARG A 80 8.16 2.41 -15.00
CA ARG A 80 7.63 1.28 -14.21
C ARG A 80 6.63 1.75 -13.15
N TYR A 81 7.02 2.79 -12.42
CA TYR A 81 6.25 3.29 -11.28
C TYR A 81 5.38 4.50 -11.65
N GLY A 82 5.14 4.69 -12.93
CA GLY A 82 4.43 5.89 -13.37
C GLY A 82 3.05 6.05 -12.78
N ARG A 83 2.33 4.97 -12.53
CA ARG A 83 1.00 5.13 -11.92
C ARG A 83 1.13 5.68 -10.51
N LEU A 84 2.14 5.24 -9.78
N LEU A 84 2.13 5.26 -9.76
CA LEU A 84 2.40 5.77 -8.43
CA LEU A 84 2.40 5.79 -8.41
C LEU A 84 2.80 7.23 -8.54
C LEU A 84 2.87 7.24 -8.50
N ALA A 85 3.70 7.55 -9.48
CA ALA A 85 4.09 8.94 -9.70
C ALA A 85 2.87 9.83 -9.97
N ARG A 86 1.91 9.34 -10.70
CA ARG A 86 0.70 10.12 -10.99
C ARG A 86 -0.16 10.33 -9.76
N HIS A 87 0.03 9.56 -8.71
CA HIS A 87 -0.66 9.84 -7.43
C HIS A 87 -0.06 11.04 -6.71
N LEU A 88 1.09 11.53 -7.16
CA LEU A 88 1.90 12.43 -6.36
C LEU A 88 2.47 13.63 -7.07
N ALA A 89 2.09 13.84 -8.30
CA ALA A 89 2.55 15.00 -9.10
C ALA A 89 4.02 14.84 -9.54
N LEU A 90 4.56 13.61 -9.41
CA LEU A 90 5.95 13.34 -9.82
C LEU A 90 5.99 12.99 -11.32
N PRO A 91 7.14 13.26 -11.98
CA PRO A 91 7.24 12.79 -13.33
C PRO A 91 7.06 11.28 -13.43
N PRO A 92 6.53 10.77 -14.54
CA PRO A 92 6.20 9.35 -14.62
C PRO A 92 7.43 8.41 -14.63
N THR A 93 8.60 8.98 -14.87
CA THR A 93 9.89 8.30 -14.80
C THR A 93 10.49 8.26 -13.39
N ALA A 94 9.74 8.70 -12.39
CA ALA A 94 10.30 8.76 -11.03
C ALA A 94 10.72 7.37 -10.55
N SER A 95 11.83 7.38 -9.82
CA SER A 95 12.31 6.17 -9.16
C SER A 95 11.54 5.89 -7.91
N MET A 96 11.68 4.66 -7.45
N MET A 96 11.62 4.65 -7.41
CA MET A 96 11.10 4.30 -6.17
CA MET A 96 10.97 4.31 -6.12
C MET A 96 11.65 5.23 -5.08
C MET A 96 11.66 5.12 -4.99
N ARG A 97 12.96 5.41 -5.08
CA ARG A 97 13.56 6.27 -4.05
C ARG A 97 12.82 7.62 -4.02
N GLU A 98 12.62 8.22 -5.22
CA GLU A 98 11.94 9.53 -5.31
C GLU A 98 10.51 9.44 -4.81
N ILE A 99 9.79 8.39 -5.08
CA ILE A 99 8.41 8.20 -4.64
C ILE A 99 8.40 8.10 -3.12
N LEU A 100 9.26 7.28 -2.56
CA LEU A 100 9.29 7.10 -1.11
C LEU A 100 9.77 8.36 -0.39
N ASP A 101 10.72 9.06 -0.96
CA ASP A 101 11.14 10.35 -0.41
C ASP A 101 9.95 11.32 -0.41
N LYS A 102 9.17 11.36 -1.45
CA LYS A 102 8.02 12.26 -1.49
C LYS A 102 7.07 11.86 -0.38
N MET A 103 6.80 10.58 -0.20
CA MET A 103 5.90 10.10 0.86
C MET A 103 6.43 10.39 2.24
N LEU A 104 7.72 10.49 2.43
CA LEU A 104 8.31 10.75 3.77
C LEU A 104 8.48 12.26 4.01
N SER A 105 8.41 13.06 2.97
CA SER A 105 8.82 14.47 3.04
C SER A 105 8.04 15.25 4.13
N ALA A 106 6.78 14.92 4.32
CA ALA A 106 5.92 15.64 5.31
C ALA A 106 6.26 15.30 6.74
N SER A 107 7.16 14.34 6.99
N SER A 107 7.02 14.22 6.98
CA SER A 107 7.39 13.82 8.36
CA SER A 107 7.34 13.83 8.35
C SER A 107 8.09 14.85 9.26
C SER A 107 7.96 15.00 9.12
N ASP A 108 8.86 15.77 8.69
N ASP A 108 8.76 15.80 8.44
CA ASP A 108 9.42 16.93 9.43
CA ASP A 108 9.61 16.87 9.03
C ASP A 108 9.01 18.24 8.75
C ASP A 108 8.90 18.25 9.03
N MET A 109 7.73 18.31 8.41
CA MET A 109 7.09 19.55 8.02
C MET A 109 5.90 19.80 8.95
N PRO A 110 5.54 21.08 9.19
CA PRO A 110 4.27 21.38 9.82
C PRO A 110 3.14 20.84 9.00
N PRO A 111 2.14 20.19 9.62
CA PRO A 111 0.93 19.81 8.88
C PRO A 111 0.32 21.02 8.21
N ILE A 112 -0.39 20.76 7.14
CA ILE A 112 -1.26 21.78 6.49
C ILE A 112 -2.64 21.25 6.65
N PRO A 113 -3.42 21.76 7.63
CA PRO A 113 -4.71 21.17 7.90
C PRO A 113 -5.67 21.39 6.72
N PRO A 114 -6.69 20.59 6.62
CA PRO A 114 -7.66 20.68 5.51
C PRO A 114 -8.53 21.93 5.61
N THR A 115 -9.12 22.26 4.49
CA THR A 115 -10.03 23.40 4.34
C THR A 115 -11.42 22.85 4.15
N ILE A 116 -12.38 23.39 4.89
CA ILE A 116 -13.77 22.97 4.76
C ILE A 116 -14.40 23.85 3.71
N VAL A 117 -15.05 23.20 2.77
CA VAL A 117 -15.85 23.88 1.72
C VAL A 117 -17.26 23.39 1.85
N PRO A 118 -18.22 24.20 1.35
CA PRO A 118 -19.63 23.93 1.58
C PRO A 118 -20.19 22.75 0.78
N THR A 119 -19.60 22.46 -0.38
CA THR A 119 -20.11 21.39 -1.26
C THR A 119 -18.97 20.91 -2.15
N GLY A 120 -19.26 19.86 -2.88
CA GLY A 120 -18.32 19.41 -3.90
C GLY A 120 -18.98 18.35 -4.74
N PRO A 121 -18.25 17.80 -5.74
CA PRO A 121 -18.85 16.80 -6.60
C PRO A 121 -19.42 15.55 -5.93
N CYS A 122 -18.83 15.20 -4.78
CA CYS A 122 -19.31 14.01 -4.05
C CYS A 122 -20.74 14.16 -3.52
N LYS A 123 -21.33 15.37 -3.65
CA LYS A 123 -22.70 15.63 -3.23
C LYS A 123 -23.64 15.72 -4.41
N GLU A 124 -23.16 15.39 -5.63
CA GLU A 124 -24.03 15.48 -6.80
C GLU A 124 -25.24 14.58 -6.76
N ASN A 125 -25.13 13.45 -6.06
CA ASN A 125 -26.23 12.49 -5.92
C ASN A 125 -26.22 11.95 -4.50
N SER A 126 -27.39 11.56 -4.01
CA SER A 126 -27.48 11.01 -2.65
C SER A 126 -28.57 9.94 -2.63
N LEU A 127 -28.38 8.98 -1.73
CA LEU A 127 -29.35 7.93 -1.49
C LEU A 127 -29.46 7.75 0.01
N ASP A 128 -30.67 7.93 0.52
CA ASP A 128 -30.89 7.73 1.94
C ASP A 128 -31.09 6.22 2.23
N ASP A 129 -31.34 6.07 3.54
N ASP A 129 -31.24 5.87 3.52
CA ASP A 129 -31.64 4.84 4.32
CA ASP A 129 -31.48 4.49 4.03
C ASP A 129 -32.77 4.03 3.64
C ASP A 129 -32.62 3.84 3.22
N SER A 130 -33.62 4.64 2.80
CA SER A 130 -34.80 4.00 2.17
C SER A 130 -34.54 3.75 0.68
N GLU A 131 -33.40 4.24 0.14
CA GLU A 131 -33.18 4.34 -1.33
C GLU A 131 -32.03 3.47 -1.84
N PHE A 132 -31.19 2.94 -0.96
CA PHE A 132 -30.10 2.08 -1.43
C PHE A 132 -30.25 0.69 -0.83
N ASP A 133 -29.59 -0.25 -1.50
CA ASP A 133 -29.44 -1.62 -0.98
C ASP A 133 -28.07 -2.04 -1.48
N LEU A 134 -27.13 -2.33 -0.61
CA LEU A 134 -25.75 -2.62 -1.06
C LEU A 134 -25.71 -3.92 -1.85
N THR A 135 -26.69 -4.80 -1.62
CA THR A 135 -26.72 -6.09 -2.38
C THR A 135 -27.19 -5.89 -3.81
N GLU A 136 -27.72 -4.70 -4.13
CA GLU A 136 -28.29 -4.41 -5.47
C GLU A 136 -27.29 -3.59 -6.27
N LEU A 137 -26.17 -3.21 -5.70
CA LEU A 137 -25.10 -2.51 -6.43
C LEU A 137 -24.19 -3.52 -7.12
N PRO A 138 -23.42 -3.08 -8.13
CA PRO A 138 -22.50 -3.97 -8.89
C PRO A 138 -21.18 -4.19 -8.18
N VAL A 139 -21.26 -4.57 -6.93
CA VAL A 139 -20.09 -4.82 -6.11
C VAL A 139 -19.37 -6.06 -6.66
N PRO A 140 -18.06 -5.99 -6.89
CA PRO A 140 -17.34 -7.13 -7.45
C PRO A 140 -17.18 -8.31 -6.53
N LEU A 141 -17.26 -9.49 -7.15
CA LEU A 141 -16.68 -10.72 -6.57
C LEU A 141 -15.30 -10.74 -7.16
N ILE A 142 -14.27 -10.59 -6.35
CA ILE A 142 -12.89 -10.38 -6.84
C ILE A 142 -12.13 -11.70 -7.08
N HIS A 143 -12.34 -12.71 -6.25
CA HIS A 143 -11.76 -14.04 -6.39
C HIS A 143 -12.87 -15.04 -6.19
N LYS A 144 -12.78 -16.18 -6.88
N LYS A 144 -12.85 -16.17 -6.91
CA LYS A 144 -13.94 -17.09 -6.96
CA LYS A 144 -14.05 -17.04 -6.93
C LYS A 144 -14.33 -17.65 -5.59
C LYS A 144 -14.37 -17.60 -5.54
N SER A 145 -13.38 -17.80 -4.66
CA SER A 145 -13.63 -18.35 -3.32
C SER A 145 -13.85 -17.28 -2.24
N ASP A 146 -13.84 -16.00 -2.63
CA ASP A 146 -14.08 -14.95 -1.60
C ASP A 146 -15.38 -15.21 -0.86
N GLY A 147 -15.39 -14.84 0.41
CA GLY A 147 -16.57 -14.99 1.29
C GLY A 147 -17.60 -13.90 1.14
N GLY A 148 -17.38 -12.95 0.23
CA GLY A 148 -18.34 -11.88 0.00
C GLY A 148 -17.89 -11.03 -1.14
N LYS A 149 -18.67 -10.02 -1.46
N LYS A 149 -18.74 -10.09 -1.51
CA LYS A 149 -18.35 -9.09 -2.55
CA LYS A 149 -18.47 -9.08 -2.54
C LYS A 149 -17.65 -7.89 -1.92
C LYS A 149 -17.66 -7.96 -1.88
N TYR A 150 -16.38 -7.78 -2.24
CA TYR A 150 -15.49 -6.83 -1.59
C TYR A 150 -15.61 -5.49 -2.29
N ILE A 151 -16.57 -4.71 -1.78
CA ILE A 151 -16.79 -3.32 -2.23
C ILE A 151 -15.59 -2.46 -1.94
N GLN A 152 -14.85 -2.78 -0.86
CA GLN A 152 -13.81 -1.89 -0.34
C GLN A 152 -12.44 -2.57 -0.46
N THR A 153 -11.75 -2.17 -1.50
CA THR A 153 -10.35 -2.48 -1.73
C THR A 153 -9.45 -1.31 -2.02
N TYR A 154 -10.06 -0.11 -2.25
CA TYR A 154 -9.19 1.04 -2.54
C TYR A 154 -9.85 2.37 -2.13
N GLY A 155 -10.80 2.31 -1.22
CA GLY A 155 -11.29 3.50 -0.53
C GLY A 155 -10.58 3.71 0.77
N MET A 156 -10.89 4.86 1.40
CA MET A 156 -10.32 5.22 2.67
C MET A 156 -11.36 5.33 3.74
N HIS A 157 -11.14 4.54 4.80
CA HIS A 157 -11.93 4.67 6.01
C HIS A 157 -11.49 5.92 6.77
N ILE A 158 -12.50 6.61 7.29
CA ILE A 158 -12.34 7.86 8.05
C ILE A 158 -12.98 7.62 9.43
N VAL A 159 -12.11 7.66 10.44
CA VAL A 159 -12.58 7.59 11.84
C VAL A 159 -11.75 8.55 12.64
N GLN A 160 -12.34 9.02 13.73
CA GLN A 160 -11.73 10.07 14.56
C GLN A 160 -11.75 9.58 16.02
N SER A 161 -10.69 9.95 16.73
CA SER A 161 -10.62 9.64 18.17
C SER A 161 -11.79 10.29 18.89
N PRO A 162 -12.26 9.71 20.01
CA PRO A 162 -13.37 10.31 20.75
C PRO A 162 -13.15 11.78 21.11
N ASP A 163 -11.93 12.16 21.41
CA ASP A 163 -11.64 13.53 21.82
C ASP A 163 -11.48 14.48 20.65
N GLY A 164 -11.58 13.98 19.41
CA GLY A 164 -11.57 14.81 18.24
C GLY A 164 -10.20 15.17 17.70
N THR A 165 -9.13 14.83 18.40
CA THR A 165 -7.78 15.33 18.11
C THR A 165 -7.07 14.59 16.98
N TRP A 166 -7.53 13.45 16.60
CA TRP A 166 -6.86 12.62 15.57
C TRP A 166 -7.95 12.09 14.67
N THR A 167 -7.78 12.40 13.36
CA THR A 167 -8.66 11.82 12.34
C THR A 167 -7.78 10.94 11.45
N ASN A 168 -8.09 9.66 11.42
CA ASN A 168 -7.26 8.70 10.67
C ASN A 168 -7.95 8.39 9.34
N TRP A 169 -7.10 8.31 8.31
CA TRP A 169 -7.47 7.81 6.97
C TRP A 169 -6.64 6.52 6.70
N SER A 170 -7.34 5.46 6.33
CA SER A 170 -6.59 4.24 6.06
C SER A 170 -7.39 3.34 5.16
N ILE A 171 -6.63 2.48 4.43
CA ILE A 171 -7.24 1.38 3.65
C ILE A 171 -7.32 0.15 4.57
N ALA A 172 -8.47 -0.45 4.68
CA ALA A 172 -8.72 -1.76 5.26
C ALA A 172 -9.83 -2.39 4.48
N ARG A 173 -9.77 -3.68 4.17
CA ARG A 173 -10.76 -4.30 3.30
C ARG A 173 -12.14 -4.33 3.97
N ALA A 174 -13.17 -4.36 3.15
CA ALA A 174 -14.53 -4.61 3.63
C ALA A 174 -15.40 -5.19 2.53
N MET A 175 -16.32 -6.02 2.93
CA MET A 175 -17.27 -6.69 2.03
C MET A 175 -18.70 -6.42 2.47
N VAL A 176 -19.60 -6.57 1.53
CA VAL A 176 -21.04 -6.39 1.79
C VAL A 176 -21.56 -7.54 2.66
N HIS A 177 -22.19 -7.20 3.78
CA HIS A 177 -22.87 -8.15 4.69
C HIS A 177 -24.36 -8.26 4.36
N ASP A 178 -25.02 -7.12 4.18
CA ASP A 178 -26.44 -7.14 3.85
C ASP A 178 -26.75 -5.77 3.26
N LYS A 179 -28.05 -5.49 3.07
CA LYS A 179 -28.46 -4.25 2.37
C LYS A 179 -27.85 -2.96 2.92
N ASN A 180 -27.52 -2.96 4.18
CA ASN A 180 -27.02 -1.72 4.82
C ASN A 180 -25.87 -1.97 5.77
N HIS A 181 -25.11 -3.04 5.58
CA HIS A 181 -23.92 -3.24 6.43
C HIS A 181 -22.78 -3.83 5.60
N LEU A 182 -21.60 -3.54 6.03
CA LEU A 182 -20.37 -4.18 5.60
C LEU A 182 -19.74 -4.95 6.76
N THR A 183 -18.92 -5.95 6.45
CA THR A 183 -17.99 -6.44 7.44
C THR A 183 -16.60 -6.21 6.95
N GLY A 184 -15.62 -6.12 7.80
CA GLY A 184 -14.25 -5.89 7.37
C GLY A 184 -13.22 -6.22 8.43
N LEU A 185 -11.94 -6.15 8.02
N LEU A 185 -11.97 -6.08 8.04
CA LEU A 185 -10.80 -6.37 8.94
CA LEU A 185 -10.81 -6.47 8.84
C LEU A 185 -10.55 -5.11 9.70
C LEU A 185 -10.35 -5.25 9.66
N VAL A 186 -10.53 -5.29 10.99
CA VAL A 186 -10.12 -4.23 11.92
C VAL A 186 -9.25 -4.96 12.95
N ILE A 187 -7.93 -4.88 12.78
CA ILE A 187 -7.02 -5.71 13.57
C ILE A 187 -5.90 -4.88 14.14
N PRO A 188 -5.35 -5.30 15.29
CA PRO A 188 -4.22 -4.58 15.83
C PRO A 188 -2.98 -4.83 15.01
N PRO A 189 -2.05 -3.88 14.93
CA PRO A 189 -2.03 -2.59 15.60
C PRO A 189 -2.54 -1.40 14.76
N GLN A 190 -3.39 -1.73 13.81
CA GLN A 190 -3.75 -0.72 12.81
C GLN A 190 -4.53 0.42 13.42
N HIS A 191 -4.40 1.60 12.84
CA HIS A 191 -5.02 2.80 13.47
C HIS A 191 -6.51 2.70 13.49
N ILE A 192 -7.18 2.10 12.53
CA ILE A 192 -8.61 1.95 12.64
C ILE A 192 -8.96 1.16 13.87
N TRP A 193 -8.18 0.11 14.14
CA TRP A 193 -8.35 -0.69 15.37
C TRP A 193 -8.03 0.14 16.61
N GLN A 194 -6.94 0.87 16.62
CA GLN A 194 -6.62 1.68 17.80
C GLN A 194 -7.74 2.65 18.13
N ILE A 195 -8.26 3.33 17.15
CA ILE A 195 -9.39 4.24 17.37
C ILE A 195 -10.63 3.49 17.78
N HIS A 196 -10.95 2.39 17.16
N HIS A 196 -10.97 2.39 17.15
CA HIS A 196 -12.07 1.56 17.57
CA HIS A 196 -12.07 1.52 17.58
C HIS A 196 -11.98 1.25 19.07
C HIS A 196 -11.99 1.21 19.07
N GLN A 197 -10.78 0.89 19.54
CA GLN A 197 -10.61 0.50 20.96
C GLN A 197 -10.92 1.71 21.86
N MET A 198 -10.55 2.90 21.40
CA MET A 198 -10.80 4.09 22.23
C MET A 198 -12.34 4.24 22.41
N TRP A 199 -13.10 4.10 21.33
CA TRP A 199 -14.57 4.19 21.43
C TRP A 199 -15.13 3.06 22.26
N LYS A 200 -14.55 1.87 22.16
N LYS A 200 -14.60 1.85 22.10
CA LYS A 200 -15.08 0.72 22.95
CA LYS A 200 -15.06 0.69 22.95
C LYS A 200 -14.84 0.97 24.44
C LYS A 200 -14.87 1.04 24.41
N LYS A 201 -13.70 1.51 24.78
CA LYS A 201 -13.41 1.81 26.20
C LYS A 201 -14.33 2.88 26.73
N GLU A 202 -14.63 3.88 25.90
CA GLU A 202 -15.59 4.92 26.32
C GLU A 202 -16.98 4.33 26.46
N GLY A 203 -17.34 3.38 25.62
CA GLY A 203 -18.54 2.54 25.79
C GLY A 203 -19.86 3.16 25.51
N ARG A 204 -19.91 4.41 25.06
CA ARG A 204 -21.17 5.18 24.92
C ARG A 204 -21.83 5.04 23.53
N SER A 205 -21.07 5.01 22.45
N SER A 205 -21.01 4.91 22.50
CA SER A 205 -21.69 4.93 21.12
CA SER A 205 -21.42 5.21 21.10
C SER A 205 -20.79 4.19 20.18
C SER A 205 -20.73 4.24 20.16
N ASP A 206 -21.42 3.81 19.09
CA ASP A 206 -20.68 3.25 17.94
C ASP A 206 -19.83 4.39 17.34
N VAL A 207 -18.83 4.00 16.55
CA VAL A 207 -17.85 4.96 16.01
C VAL A 207 -18.43 5.67 14.79
N PRO A 208 -18.52 7.01 14.80
CA PRO A 208 -18.91 7.67 13.58
C PRO A 208 -17.86 7.34 12.50
N TRP A 209 -18.35 7.08 11.27
CA TRP A 209 -17.51 6.50 10.24
C TRP A 209 -17.95 7.04 8.90
N ALA A 210 -16.95 7.18 8.02
CA ALA A 210 -17.24 7.31 6.59
C ALA A 210 -16.20 6.50 5.80
N LEU A 211 -16.60 6.11 4.61
CA LEU A 211 -15.70 5.38 3.68
C LEU A 211 -15.81 6.09 2.34
N ALA A 212 -14.71 6.68 1.94
CA ALA A 212 -14.68 7.48 0.69
C ALA A 212 -13.85 6.74 -0.35
N PHE A 213 -14.46 6.55 -1.51
CA PHE A 213 -13.86 5.88 -2.66
C PHE A 213 -13.51 6.90 -3.71
N GLY A 214 -12.41 6.67 -4.42
CA GLY A 214 -12.04 7.64 -5.46
C GLY A 214 -11.67 8.92 -4.82
N VAL A 215 -10.85 8.90 -3.80
CA VAL A 215 -10.32 10.09 -3.12
C VAL A 215 -9.14 10.66 -3.86
N PRO A 216 -8.67 11.84 -3.48
CA PRO A 216 -7.45 12.38 -4.04
C PRO A 216 -6.36 11.31 -4.01
N PRO A 217 -5.68 11.08 -5.13
CA PRO A 217 -4.63 10.05 -5.13
C PRO A 217 -3.56 10.28 -4.06
N ALA A 218 -3.17 11.50 -3.78
CA ALA A 218 -2.15 11.69 -2.74
C ALA A 218 -2.68 11.22 -1.37
N ALA A 219 -4.00 11.33 -1.18
CA ALA A 219 -4.62 10.88 0.06
C ALA A 219 -4.66 9.36 0.16
N ILE A 220 -4.96 8.66 -0.94
CA ILE A 220 -4.98 7.19 -0.87
C ILE A 220 -3.59 6.64 -0.63
N MET A 221 -2.55 7.32 -1.12
N MET A 221 -2.55 7.33 -1.10
CA MET A 221 -1.16 6.91 -0.82
CA MET A 221 -1.16 6.92 -0.81
C MET A 221 -0.96 7.03 0.68
C MET A 221 -0.87 7.08 0.67
N ALA A 222 -1.27 8.16 1.30
CA ALA A 222 -1.03 8.31 2.78
C ALA A 222 -1.94 7.33 3.49
N SER A 223 -3.11 7.01 3.02
CA SER A 223 -4.03 6.04 3.62
C SER A 223 -3.38 4.66 3.71
N SER A 224 -2.45 4.37 2.81
N SER A 224 -2.46 4.35 2.80
CA SER A 224 -1.76 3.08 2.68
CA SER A 224 -1.77 3.06 2.72
C SER A 224 -0.45 3.02 3.44
C SER A 224 -0.45 3.02 3.46
N MET A 225 -0.05 4.09 4.13
CA MET A 225 1.27 4.25 4.75
C MET A 225 1.10 4.27 6.25
N PRO A 226 2.04 3.65 6.99
CA PRO A 226 1.95 3.69 8.46
C PRO A 226 2.64 4.92 9.02
N ILE A 227 2.08 6.08 8.73
CA ILE A 227 2.55 7.32 9.37
C ILE A 227 2.22 7.19 10.88
N PRO A 228 2.84 8.02 11.73
CA PRO A 228 2.79 7.72 13.16
C PRO A 228 1.41 7.80 13.80
N ASP A 229 1.34 7.13 14.94
CA ASP A 229 0.16 7.21 15.78
C ASP A 229 -0.20 8.66 16.07
N GLY A 230 -1.49 8.97 16.05
CA GLY A 230 -1.91 10.32 16.43
C GLY A 230 -1.75 11.39 15.35
N VAL A 231 -1.26 11.01 14.18
CA VAL A 231 -1.03 11.98 13.11
C VAL A 231 -2.19 11.89 12.13
N THR A 232 -2.87 13.01 11.93
CA THR A 232 -4.01 13.09 11.00
C THR A 232 -3.49 13.07 9.58
N GLU A 233 -3.86 12.04 8.82
CA GLU A 233 -3.33 11.92 7.43
C GLU A 233 -3.64 13.15 6.63
N ALA A 234 -4.81 13.79 6.81
CA ALA A 234 -5.15 14.92 5.93
C ALA A 234 -4.09 16.02 5.98
N GLY A 235 -3.57 16.32 7.17
CA GLY A 235 -2.58 17.39 7.30
C GLY A 235 -1.20 16.98 6.80
N TYR A 236 -0.91 15.67 6.86
CA TYR A 236 0.34 15.11 6.30
C TYR A 236 0.30 15.24 4.77
N VAL A 237 -0.84 14.87 4.18
CA VAL A 237 -0.99 15.01 2.72
C VAL A 237 -0.93 16.46 2.34
N GLY A 238 -1.57 17.35 3.12
CA GLY A 238 -1.48 18.78 2.87
C GLY A 238 -0.02 19.22 2.81
N ALA A 239 0.80 18.85 3.81
CA ALA A 239 2.21 19.25 3.82
C ALA A 239 2.95 18.64 2.64
N MET A 240 2.74 17.35 2.36
N MET A 240 2.71 17.35 2.38
CA MET A 240 3.46 16.69 1.26
CA MET A 240 3.38 16.62 1.30
C MET A 240 3.20 17.40 -0.06
C MET A 240 3.15 17.29 -0.05
N THR A 241 1.94 17.73 -0.31
CA THR A 241 1.53 18.30 -1.59
C THR A 241 1.69 19.84 -1.63
N GLY A 242 1.87 20.45 -0.47
CA GLY A 242 1.88 21.93 -0.37
C GLY A 242 0.52 22.55 -0.47
N SER A 243 -0.53 21.81 -0.42
CA SER A 243 -1.90 22.29 -0.65
C SER A 243 -2.85 21.76 0.43
N SER A 244 -3.61 22.63 1.08
CA SER A 244 -4.66 22.18 1.96
C SER A 244 -5.73 21.39 1.23
N LEU A 245 -6.05 20.21 1.68
CA LEU A 245 -7.12 19.44 1.03
C LEU A 245 -8.47 20.03 1.35
N GLU A 246 -9.33 20.09 0.33
CA GLU A 246 -10.70 20.56 0.48
C GLU A 246 -11.60 19.43 0.87
N LEU A 247 -12.26 19.53 2.01
CA LEU A 247 -13.16 18.54 2.56
C LEU A 247 -14.54 19.14 2.73
N VAL A 248 -15.56 18.33 2.51
N VAL A 248 -15.53 18.27 2.71
CA VAL A 248 -16.98 18.64 2.79
CA VAL A 248 -16.93 18.63 2.92
C VAL A 248 -17.45 17.81 3.98
C VAL A 248 -17.57 17.72 3.93
N LYS A 249 -18.39 18.32 4.76
CA LYS A 249 -18.96 17.54 5.85
C LYS A 249 -19.85 16.44 5.30
N CYS A 250 -19.85 15.30 5.97
CA CYS A 250 -20.88 14.28 5.77
C CYS A 250 -22.27 14.89 6.05
N ASP A 251 -23.30 14.29 5.51
CA ASP A 251 -24.67 14.74 5.75
C ASP A 251 -25.19 14.22 7.08
N THR A 252 -24.83 13.04 7.50
CA THR A 252 -25.43 12.34 8.65
C THR A 252 -24.49 12.29 9.84
N ASN A 253 -23.25 12.77 9.70
CA ASN A 253 -22.34 12.87 10.84
C ASN A 253 -21.44 14.05 10.61
N ASP A 254 -20.52 14.30 11.55
CA ASP A 254 -19.67 15.47 11.51
C ASP A 254 -18.26 15.17 11.04
N LEU A 255 -18.08 14.02 10.39
CA LEU A 255 -16.81 13.74 9.69
C LEU A 255 -16.80 14.51 8.38
N TYR A 256 -15.59 14.65 7.87
CA TYR A 256 -15.31 15.40 6.63
C TYR A 256 -14.60 14.52 5.60
N VAL A 257 -15.12 14.57 4.38
CA VAL A 257 -14.63 13.71 3.27
C VAL A 257 -14.09 14.59 2.19
N PRO A 258 -13.14 14.08 1.35
CA PRO A 258 -12.66 14.88 0.25
C PRO A 258 -13.80 15.31 -0.67
N ALA A 259 -13.76 16.60 -1.05
CA ALA A 259 -14.89 17.18 -1.81
C ALA A 259 -15.15 16.49 -3.13
N THR A 260 -14.10 15.96 -3.78
CA THR A 260 -14.22 15.28 -5.07
C THR A 260 -14.25 13.76 -4.95
N SER A 261 -14.52 13.21 -3.75
CA SER A 261 -14.68 11.76 -3.60
C SER A 261 -15.70 11.28 -4.62
N GLU A 262 -15.41 10.15 -5.29
CA GLU A 262 -16.36 9.57 -6.24
C GLU A 262 -17.62 9.06 -5.54
N ILE A 263 -17.44 8.33 -4.46
CA ILE A 263 -18.53 7.67 -3.73
C ILE A 263 -18.21 7.77 -2.25
N VAL A 264 -19.20 8.12 -1.44
CA VAL A 264 -19.05 8.20 0.01
C VAL A 264 -20.13 7.37 0.72
N LEU A 265 -19.70 6.48 1.59
CA LEU A 265 -20.63 5.85 2.52
C LEU A 265 -20.49 6.54 3.88
N GLU A 266 -21.63 6.84 4.50
CA GLU A 266 -21.62 7.41 5.85
C GLU A 266 -22.33 6.46 6.79
N GLY A 267 -21.81 6.28 8.01
CA GLY A 267 -22.54 5.43 8.98
C GLY A 267 -21.75 5.28 10.24
N THR A 268 -21.74 4.06 10.75
CA THR A 268 -21.08 3.78 12.03
C THR A 268 -20.32 2.44 11.95
N LEU A 269 -19.23 2.41 12.70
CA LEU A 269 -18.48 1.17 12.98
C LEU A 269 -18.90 0.71 14.38
N SER A 270 -19.45 -0.48 14.46
CA SER A 270 -20.07 -0.94 15.72
C SER A 270 -18.98 -1.17 16.75
N ILE A 271 -19.26 -0.77 17.99
CA ILE A 271 -18.38 -1.17 19.13
C ILE A 271 -18.83 -2.49 19.77
N SER A 272 -19.91 -3.10 19.27
CA SER A 272 -20.44 -4.36 19.87
C SER A 272 -20.62 -5.57 18.90
N GLU A 273 -21.03 -5.24 17.69
CA GLU A 273 -21.51 -6.21 16.69
C GLU A 273 -20.31 -6.67 15.86
N THR A 274 -20.40 -7.88 15.39
CA THR A 274 -19.48 -8.51 14.41
C THR A 274 -20.33 -9.21 13.38
N GLY A 275 -19.67 -9.61 12.30
CA GLY A 275 -20.32 -10.51 11.36
C GLY A 275 -19.26 -11.25 10.56
N PRO A 276 -19.68 -12.27 9.80
CA PRO A 276 -18.76 -13.06 9.01
C PRO A 276 -17.99 -12.16 8.06
N GLU A 277 -16.71 -12.42 7.97
CA GLU A 277 -15.82 -11.67 7.10
C GLU A 277 -14.79 -12.65 6.49
N GLY A 278 -14.51 -12.47 5.19
CA GLY A 278 -13.60 -13.34 4.52
C GLY A 278 -14.20 -14.70 4.25
N PRO A 279 -13.41 -15.58 3.61
CA PRO A 279 -12.03 -15.34 3.25
C PRO A 279 -11.86 -14.40 2.05
N PHE A 280 -10.64 -13.98 1.84
CA PHE A 280 -10.34 -13.04 0.78
C PHE A 280 -9.02 -13.46 0.16
N GLY A 281 -8.90 -13.34 -1.13
CA GLY A 281 -7.63 -13.52 -1.82
C GLY A 281 -6.71 -12.37 -1.55
N GLU A 282 -5.69 -12.63 -0.79
N GLU A 282 -5.67 -12.60 -0.76
N GLU A 282 -5.61 -12.57 -0.82
CA GLU A 282 -4.94 -11.64 -0.02
CA GLU A 282 -4.89 -11.55 -0.05
CA GLU A 282 -4.85 -11.46 -0.23
C GLU A 282 -3.57 -11.35 -0.68
C GLU A 282 -3.50 -11.31 -0.66
C GLU A 282 -3.41 -11.37 -0.74
N MET A 283 -2.88 -10.37 -0.14
N MET A 283 -2.84 -10.26 -0.15
CA MET A 283 -1.61 -9.81 -0.65
CA MET A 283 -1.51 -9.72 -0.54
C MET A 283 -0.49 -10.83 -0.77
C MET A 283 -0.50 -10.83 -0.76
N HIS A 284 -0.49 -11.88 0.04
CA HIS A 284 0.59 -12.88 -0.06
C HIS A 284 0.34 -13.87 -1.17
N GLY A 285 -0.81 -13.84 -1.82
CA GLY A 285 -1.08 -14.66 -2.99
C GLY A 285 -1.97 -15.83 -2.75
N TYR A 286 -2.73 -15.89 -1.68
CA TYR A 286 -3.51 -17.07 -1.32
C TYR A 286 -4.93 -16.73 -0.91
N ILE A 287 -5.83 -17.68 -1.02
CA ILE A 287 -7.08 -17.69 -0.33
C ILE A 287 -7.25 -19.05 0.23
N PHE A 288 -7.82 -19.11 1.44
CA PHE A 288 -8.09 -20.36 2.14
C PHE A 288 -9.60 -20.51 2.15
N PRO A 289 -10.18 -21.22 1.16
CA PRO A 289 -11.63 -21.24 1.05
C PRO A 289 -12.33 -21.70 2.31
N GLY A 290 -13.49 -21.11 2.56
CA GLY A 290 -14.20 -21.38 3.80
C GLY A 290 -13.60 -20.79 5.08
N ASP A 291 -12.41 -20.20 5.11
CA ASP A 291 -11.80 -19.61 6.34
C ASP A 291 -12.49 -18.27 6.62
N THR A 292 -13.74 -18.34 6.95
CA THR A 292 -14.50 -17.15 7.46
C THR A 292 -14.32 -16.94 8.99
N HIS A 293 -14.15 -15.71 9.40
CA HIS A 293 -13.95 -15.37 10.81
C HIS A 293 -14.90 -14.22 11.06
N LEU A 294 -15.10 -13.88 12.27
CA LEU A 294 -15.89 -12.70 12.65
C LEU A 294 -14.99 -11.51 12.42
N GLY A 295 -15.57 -10.50 11.78
CA GLY A 295 -14.95 -9.20 11.59
C GLY A 295 -15.79 -8.07 12.14
N ALA A 296 -15.24 -6.88 12.00
CA ALA A 296 -15.94 -5.66 12.40
C ALA A 296 -17.16 -5.48 11.49
N LYS A 297 -18.14 -4.80 12.02
CA LYS A 297 -19.42 -4.60 11.28
C LYS A 297 -19.73 -3.09 11.21
N TYR A 298 -19.91 -2.62 10.00
CA TYR A 298 -20.21 -1.22 9.68
C TYR A 298 -21.67 -1.14 9.22
N LYS A 299 -22.36 -0.13 9.71
CA LYS A 299 -23.71 0.21 9.25
C LYS A 299 -23.60 1.44 8.34
N VAL A 300 -24.27 1.31 7.19
CA VAL A 300 -24.32 2.42 6.20
C VAL A 300 -25.69 3.07 6.31
N ASN A 301 -25.65 4.38 6.53
CA ASN A 301 -26.86 5.21 6.65
C ASN A 301 -27.11 6.04 5.41
N ARG A 302 -26.11 6.36 4.62
CA ARG A 302 -26.25 7.27 3.48
C ARG A 302 -25.14 6.97 2.47
N ILE A 303 -25.48 7.12 1.22
CA ILE A 303 -24.48 7.12 0.11
C ILE A 303 -24.58 8.45 -0.60
N THR A 304 -23.46 9.08 -0.86
CA THR A 304 -23.43 10.22 -1.78
C THR A 304 -22.41 9.94 -2.88
N TYR A 305 -22.59 10.49 -4.07
CA TYR A 305 -21.67 10.12 -5.15
C TYR A 305 -21.70 11.17 -6.25
N ARG A 306 -20.59 11.20 -6.96
CA ARG A 306 -20.47 11.98 -8.19
C ARG A 306 -21.35 11.41 -9.30
N ASN A 307 -21.79 12.31 -10.17
CA ASN A 307 -22.31 11.83 -11.45
C ASN A 307 -21.23 10.93 -12.13
N ASN A 308 -21.72 9.84 -12.67
CA ASN A 308 -20.87 8.85 -13.39
C ASN A 308 -19.71 8.39 -12.50
N ALA A 309 -20.03 8.15 -11.24
CA ALA A 309 -19.04 7.70 -10.23
C ALA A 309 -18.20 6.50 -10.70
N ILE A 310 -16.97 6.56 -10.31
CA ILE A 310 -15.98 5.49 -10.57
C ILE A 310 -15.49 4.94 -9.25
N MET A 311 -15.65 3.63 -9.10
CA MET A 311 -15.11 2.86 -7.92
C MET A 311 -13.74 2.31 -8.27
N PRO A 312 -12.64 2.70 -7.61
CA PRO A 312 -11.39 2.00 -7.79
C PRO A 312 -11.44 0.63 -7.08
N MET A 313 -10.70 -0.31 -7.71
CA MET A 313 -10.65 -1.70 -7.22
C MET A 313 -9.24 -2.22 -7.33
N SER A 314 -8.81 -2.90 -6.28
CA SER A 314 -7.54 -3.68 -6.26
C SER A 314 -7.89 -5.16 -6.35
N SER A 315 -7.50 -5.81 -7.44
CA SER A 315 -7.65 -7.27 -7.59
C SER A 315 -6.36 -7.89 -7.11
N CYS A 316 -6.28 -8.05 -5.81
CA CYS A 316 -5.00 -8.35 -5.15
C CYS A 316 -4.70 -9.84 -5.11
N GLY A 317 -3.40 -10.12 -4.95
CA GLY A 317 -3.00 -11.55 -4.87
C GLY A 317 -1.52 -11.65 -5.19
N ARG A 318 -1.22 -12.59 -6.12
CA ARG A 318 0.15 -12.73 -6.60
C ARG A 318 0.64 -11.49 -7.32
N LEU A 319 1.94 -11.35 -7.47
CA LEU A 319 2.56 -10.12 -7.99
C LEU A 319 1.93 -9.69 -9.30
N THR A 320 1.78 -8.37 -9.56
CA THR A 320 2.10 -7.24 -8.71
C THR A 320 0.90 -6.31 -8.67
N ASP A 321 0.48 -5.93 -7.45
CA ASP A 321 -0.66 -5.05 -7.29
C ASP A 321 -0.39 -4.06 -6.18
N GLU A 322 -1.44 -3.28 -5.85
CA GLU A 322 -1.34 -2.19 -4.87
C GLU A 322 -0.87 -2.64 -3.51
N THR A 323 -1.20 -3.88 -3.14
CA THR A 323 -0.75 -4.36 -1.83
C THR A 323 0.76 -4.41 -1.80
N HIS A 324 1.38 -4.67 -2.94
CA HIS A 324 2.86 -4.79 -2.98
C HIS A 324 3.48 -3.42 -3.22
N THR A 325 2.93 -2.73 -4.24
CA THR A 325 3.55 -1.48 -4.70
C THR A 325 3.38 -0.35 -3.65
N MET A 326 2.24 -0.38 -2.98
CA MET A 326 1.90 0.69 -2.03
C MET A 326 2.05 0.17 -0.60
N SER A 327 1.34 -0.87 -0.19
N SER A 327 1.27 -0.83 -0.16
CA SER A 327 1.44 -1.18 1.24
CA SER A 327 1.33 -1.32 1.25
C SER A 327 2.87 -1.62 1.58
C SER A 327 2.78 -1.69 1.58
N GLY A 328 3.47 -2.48 0.74
CA GLY A 328 4.82 -2.95 1.05
C GLY A 328 5.85 -1.82 1.02
N SER A 329 5.82 -1.06 -0.10
CA SER A 329 6.85 -0.04 -0.28
C SER A 329 6.74 1.08 0.76
N LEU A 330 5.49 1.45 1.10
CA LEU A 330 5.29 2.52 2.08
C LEU A 330 5.65 2.12 3.48
N ALA A 331 5.41 0.84 3.81
CA ALA A 331 5.92 0.35 5.09
C ALA A 331 7.43 0.40 5.13
N ALA A 332 8.09 0.00 4.02
CA ALA A 332 9.55 0.10 3.96
C ALA A 332 10.03 1.53 4.14
N ALA A 333 9.34 2.49 3.52
CA ALA A 333 9.72 3.89 3.67
C ALA A 333 9.68 4.33 5.18
N GLU A 334 8.57 3.99 5.81
CA GLU A 334 8.44 4.34 7.24
C GLU A 334 9.52 3.67 8.06
N ILE A 335 9.85 2.41 7.73
CA ILE A 335 10.93 1.69 8.47
C ILE A 335 12.24 2.42 8.27
N ARG A 336 12.56 2.88 7.05
CA ARG A 336 13.80 3.63 6.82
C ARG A 336 13.87 4.81 7.80
N LYS A 337 12.81 5.61 7.82
CA LYS A 337 12.81 6.77 8.73
C LYS A 337 12.93 6.36 10.21
N LEU A 338 12.15 5.37 10.60
CA LEU A 338 12.24 4.86 11.99
C LEU A 338 13.65 4.48 12.35
N CYS A 339 14.34 3.74 11.49
CA CYS A 339 15.71 3.39 11.79
C CYS A 339 16.55 4.64 11.96
N GLN A 340 16.43 5.61 11.03
CA GLN A 340 17.24 6.84 11.09
C GLN A 340 17.00 7.60 12.39
N GLN A 341 15.75 7.63 12.82
CA GLN A 341 15.34 8.36 14.03
C GLN A 341 15.87 7.68 15.29
N ASN A 342 16.16 6.40 15.20
CA ASN A 342 16.77 5.61 16.27
C ASN A 342 18.30 5.57 16.11
N ASP A 343 18.88 6.46 15.34
CA ASP A 343 20.35 6.61 15.18
C ASP A 343 20.99 5.35 14.54
N LEU A 344 20.21 4.64 13.70
CA LEU A 344 20.78 3.49 13.00
C LEU A 344 21.18 3.97 11.62
N PRO A 345 22.32 3.51 11.10
CA PRO A 345 22.92 4.05 9.88
C PRO A 345 22.31 3.44 8.63
N ILE A 346 21.02 3.64 8.47
CA ILE A 346 20.24 3.08 7.35
C ILE A 346 20.02 4.21 6.34
N THR A 347 20.32 3.97 5.07
CA THR A 347 20.14 4.98 4.02
C THR A 347 18.87 4.74 3.21
N ASP A 348 18.48 3.50 3.04
CA ASP A 348 17.40 3.08 2.15
C ASP A 348 16.72 1.84 2.63
N ALA A 349 15.47 1.67 2.33
CA ALA A 349 14.72 0.47 2.67
C ALA A 349 13.73 0.19 1.56
N PHE A 350 13.55 -1.08 1.22
CA PHE A 350 12.57 -1.49 0.25
C PHE A 350 12.10 -2.87 0.56
N ALA A 351 10.86 -3.22 0.33
CA ALA A 351 10.31 -4.56 0.52
C ALA A 351 10.39 -5.28 -0.81
N PRO A 352 11.32 -6.23 -1.01
CA PRO A 352 11.47 -6.83 -2.32
C PRO A 352 10.18 -7.48 -2.76
N PHE A 353 9.78 -7.25 -4.04
CA PHE A 353 8.59 -7.94 -4.52
C PHE A 353 8.79 -9.45 -4.44
N GLU A 354 10.00 -9.92 -4.73
CA GLU A 354 10.32 -11.36 -4.74
C GLU A 354 9.94 -12.01 -3.42
N SER A 355 10.07 -11.23 -2.32
CA SER A 355 9.73 -11.69 -0.96
C SER A 355 8.24 -11.67 -0.68
N GLN A 356 7.42 -11.28 -1.68
CA GLN A 356 5.98 -11.09 -1.45
C GLN A 356 5.77 -9.98 -0.39
N VAL A 357 6.67 -9.00 -0.43
CA VAL A 357 6.74 -7.87 0.55
C VAL A 357 6.63 -8.35 1.97
N THR A 358 7.28 -9.47 2.29
CA THR A 358 7.46 -9.94 3.68
C THR A 358 8.84 -9.67 4.20
N TRP A 359 9.79 -9.28 3.31
CA TRP A 359 11.11 -8.86 3.71
C TRP A 359 11.23 -7.36 3.52
N VAL A 360 12.09 -6.73 4.29
CA VAL A 360 12.62 -5.41 3.95
C VAL A 360 14.14 -5.48 3.95
N ALA A 361 14.73 -5.01 2.87
CA ALA A 361 16.17 -4.84 2.77
C ALA A 361 16.55 -3.47 3.20
N LEU A 362 17.51 -3.38 4.11
CA LEU A 362 17.97 -2.13 4.74
C LEU A 362 19.39 -1.89 4.28
N ARG A 363 19.64 -0.86 3.50
CA ARG A 363 20.94 -0.49 3.05
C ARG A 363 21.67 0.32 4.13
N VAL A 364 22.84 -0.12 4.50
CA VAL A 364 23.61 0.43 5.63
C VAL A 364 24.71 1.32 5.08
N ASP A 365 24.84 2.50 5.70
CA ASP A 365 26.01 3.36 5.49
C ASP A 365 27.17 2.80 6.30
N THR A 366 28.01 2.03 5.64
CA THR A 366 29.01 1.22 6.35
C THR A 366 30.14 2.08 6.91
N GLU A 367 30.37 3.26 6.40
CA GLU A 367 31.28 4.23 7.09
C GLU A 367 30.78 4.50 8.54
N LYS A 368 29.51 4.83 8.62
CA LYS A 368 28.90 5.08 9.93
C LYS A 368 28.89 3.82 10.76
N LEU A 369 28.65 2.68 10.16
CA LEU A 369 28.67 1.40 10.91
C LEU A 369 30.06 1.15 11.49
N ARG A 370 31.10 1.37 10.72
CA ARG A 370 32.44 1.12 11.19
C ARG A 370 32.76 2.01 12.39
N ALA A 371 32.21 3.24 12.40
CA ALA A 371 32.53 4.18 13.53
C ALA A 371 31.83 3.69 14.80
N MET A 372 30.78 2.90 14.68
CA MET A 372 30.05 2.35 15.83
C MET A 372 30.85 1.28 16.58
N LYS A 373 31.82 0.66 15.92
CA LYS A 373 32.69 -0.35 16.55
C LYS A 373 31.86 -1.43 17.21
N THR A 374 30.95 -2.03 16.43
CA THR A 374 29.99 -3.01 16.94
C THR A 374 30.19 -4.32 16.19
N THR A 375 29.31 -5.24 16.43
CA THR A 375 29.36 -6.58 15.86
C THR A 375 28.02 -6.94 15.23
N SER A 376 28.00 -8.00 14.42
CA SER A 376 26.76 -8.42 13.80
C SER A 376 25.72 -8.74 14.82
N GLU A 377 26.05 -9.56 15.81
N GLU A 377 26.03 -9.52 15.84
CA GLU A 377 25.06 -9.98 16.81
CA GLU A 377 24.95 -9.97 16.71
C GLU A 377 24.44 -8.72 17.44
C GLU A 377 24.42 -8.78 17.55
N GLY A 378 25.28 -7.82 17.91
CA GLY A 378 24.76 -6.60 18.55
C GLY A 378 23.90 -5.76 17.65
N PHE A 379 24.40 -5.56 16.43
CA PHE A 379 23.72 -4.62 15.50
C PHE A 379 22.40 -5.25 15.07
N ARG A 380 22.38 -6.54 14.76
CA ARG A 380 21.10 -7.22 14.38
C ARG A 380 20.06 -7.11 15.43
N LYS A 381 20.49 -7.33 16.68
CA LYS A 381 19.53 -7.21 17.79
C LYS A 381 18.97 -5.77 17.87
N ARG A 382 19.87 -4.81 17.72
CA ARG A 382 19.43 -3.39 17.84
C ARG A 382 18.41 -3.07 16.75
N VAL A 383 18.71 -3.46 15.50
CA VAL A 383 17.81 -3.15 14.39
C VAL A 383 16.50 -3.87 14.60
N GLY A 384 16.51 -5.16 14.91
CA GLY A 384 15.27 -5.92 15.08
C GLY A 384 14.43 -5.38 16.24
N ASP A 385 15.05 -5.01 17.33
CA ASP A 385 14.29 -4.42 18.47
C ASP A 385 13.57 -3.13 18.02
N VAL A 386 14.27 -2.28 17.27
CA VAL A 386 13.62 -1.04 16.80
C VAL A 386 12.44 -1.37 15.93
N VAL A 387 12.70 -2.15 14.88
CA VAL A 387 11.67 -2.32 13.83
C VAL A 387 10.54 -3.23 14.29
N PHE A 388 10.88 -4.39 14.87
CA PHE A 388 9.84 -5.37 15.14
C PHE A 388 9.00 -5.04 16.37
N ASN A 389 9.46 -4.08 17.15
CA ASN A 389 8.63 -3.57 18.28
C ASN A 389 7.76 -2.39 17.86
N HIS A 390 7.77 -1.98 16.62
CA HIS A 390 7.03 -0.80 16.19
C HIS A 390 5.96 -1.27 15.18
N LYS A 391 4.87 -0.50 15.11
CA LYS A 391 3.81 -0.77 14.12
C LYS A 391 4.37 -0.78 12.69
N ALA A 392 5.34 0.06 12.34
CA ALA A 392 5.79 0.11 10.97
C ALA A 392 6.40 -1.23 10.54
N GLY A 393 6.93 -1.99 11.52
CA GLY A 393 7.48 -3.32 11.23
C GLY A 393 6.46 -4.42 11.23
N TYR A 394 5.19 -4.18 11.45
CA TYR A 394 4.16 -5.20 11.62
C TYR A 394 4.19 -6.26 10.51
N THR A 395 4.11 -5.82 9.28
CA THR A 395 3.91 -6.74 8.18
C THR A 395 5.20 -7.46 7.77
N ILE A 396 6.35 -7.04 8.30
CA ILE A 396 7.64 -7.49 7.80
C ILE A 396 8.19 -8.54 8.74
N HIS A 397 8.52 -9.72 8.18
CA HIS A 397 9.04 -10.84 8.96
C HIS A 397 10.53 -11.07 8.81
N ARG A 398 11.16 -10.53 7.79
CA ARG A 398 12.61 -10.70 7.63
C ARG A 398 13.21 -9.37 7.25
N LEU A 399 14.16 -8.90 8.01
CA LEU A 399 14.96 -7.76 7.66
C LEU A 399 16.29 -8.25 7.12
N VAL A 400 16.74 -7.74 6.00
CA VAL A 400 18.03 -8.11 5.42
C VAL A 400 18.94 -6.91 5.43
N LEU A 401 20.03 -6.95 6.19
CA LEU A 401 21.01 -5.84 6.25
C LEU A 401 22.00 -6.00 5.14
N VAL A 402 22.22 -4.97 4.32
CA VAL A 402 23.13 -5.04 3.20
C VAL A 402 24.02 -3.84 3.23
N GLY A 403 25.21 -3.91 2.71
CA GLY A 403 26.09 -2.79 2.60
C GLY A 403 25.83 -1.89 1.40
N ASP A 404 26.70 -0.88 1.27
CA ASP A 404 26.47 0.25 0.36
C ASP A 404 26.50 -0.11 -1.08
N ASP A 405 27.06 -1.27 -1.42
CA ASP A 405 27.13 -1.63 -2.83
C ASP A 405 25.80 -2.12 -3.37
N ILE A 406 24.86 -2.48 -2.55
CA ILE A 406 23.60 -3.07 -2.93
C ILE A 406 22.54 -1.98 -3.10
N ASP A 407 21.85 -2.04 -4.26
CA ASP A 407 20.67 -1.22 -4.51
C ASP A 407 19.48 -2.02 -4.01
N VAL A 408 18.89 -1.61 -2.90
CA VAL A 408 17.79 -2.38 -2.32
C VAL A 408 16.50 -2.34 -3.15
N TYR A 409 16.44 -1.39 -4.10
CA TYR A 409 15.26 -1.31 -4.96
C TYR A 409 15.38 -2.32 -6.11
N GLU A 410 16.48 -3.07 -6.18
CA GLU A 410 16.72 -4.10 -7.22
C GLU A 410 16.71 -5.45 -6.55
N GLY A 411 15.60 -6.17 -6.69
CA GLY A 411 15.43 -7.47 -5.99
C GLY A 411 16.51 -8.47 -6.33
N LYS A 412 16.98 -8.49 -7.58
N LYS A 412 17.01 -8.50 -7.57
CA LYS A 412 18.04 -9.42 -7.96
CA LYS A 412 18.04 -9.47 -7.91
C LYS A 412 19.24 -9.22 -7.05
C LYS A 412 19.33 -9.21 -7.11
N ASP A 413 19.61 -7.97 -6.79
CA ASP A 413 20.82 -7.63 -6.02
C ASP A 413 20.63 -7.96 -4.55
N VAL A 414 19.43 -7.72 -4.02
CA VAL A 414 19.08 -8.13 -2.66
C VAL A 414 19.20 -9.66 -2.51
N LEU A 415 18.68 -10.39 -3.49
N LEU A 415 18.67 -10.41 -3.48
CA LEU A 415 18.73 -11.86 -3.42
CA LEU A 415 18.75 -11.87 -3.36
C LEU A 415 20.17 -12.34 -3.50
C LEU A 415 20.19 -12.34 -3.48
N TRP A 416 20.98 -11.74 -4.34
CA TRP A 416 22.40 -12.06 -4.41
C TRP A 416 23.08 -11.85 -3.10
N ALA A 417 22.91 -10.68 -2.50
CA ALA A 417 23.57 -10.39 -1.22
C ALA A 417 23.07 -11.34 -0.14
N PHE A 418 21.78 -11.52 -0.01
CA PHE A 418 21.23 -12.39 1.03
C PHE A 418 21.82 -13.79 0.92
N SER A 419 21.87 -14.30 -0.33
N SER A 419 21.82 -14.34 -0.31
CA SER A 419 22.22 -15.70 -0.61
CA SER A 419 22.18 -15.76 -0.54
C SER A 419 23.70 -15.94 -0.41
C SER A 419 23.69 -15.96 -0.43
N THR A 420 24.53 -14.93 -0.50
CA THR A 420 25.97 -15.09 -0.50
C THR A 420 26.71 -14.49 0.69
N ARG A 421 26.04 -13.61 1.46
CA ARG A 421 26.68 -12.85 2.55
C ARG A 421 26.09 -13.18 3.91
N CYS A 422 24.95 -13.84 4.01
CA CYS A 422 24.31 -14.13 5.32
C CYS A 422 24.37 -15.65 5.55
N ARG A 423 25.25 -16.04 6.49
CA ARG A 423 25.30 -17.47 6.85
C ARG A 423 24.07 -17.88 7.61
N PRO A 424 23.25 -18.82 7.12
CA PRO A 424 22.06 -19.26 7.83
C PRO A 424 22.40 -19.61 9.28
N GLY A 425 21.55 -19.13 10.18
CA GLY A 425 21.69 -19.37 11.63
C GLY A 425 22.63 -18.39 12.24
N MET A 426 23.92 -18.54 12.07
CA MET A 426 24.97 -17.74 12.69
C MET A 426 24.80 -16.24 12.44
N ASP A 427 24.47 -15.85 11.25
CA ASP A 427 24.37 -14.43 10.91
C ASP A 427 22.94 -13.92 11.02
N GLU A 428 22.09 -14.61 11.75
CA GLU A 428 20.69 -14.28 11.93
C GLU A 428 20.33 -14.23 13.37
N THR A 429 19.34 -13.39 13.68
CA THR A 429 18.69 -13.38 15.00
C THR A 429 17.21 -13.56 14.85
N LEU A 430 16.64 -14.57 15.49
CA LEU A 430 15.22 -14.88 15.49
C LEU A 430 14.55 -14.07 16.63
N PHE A 431 13.35 -13.61 16.32
CA PHE A 431 12.51 -12.83 17.26
C PHE A 431 11.19 -13.55 17.38
N GLU A 432 10.96 -14.19 18.54
CA GLU A 432 9.74 -14.92 18.79
C GLU A 432 8.72 -14.12 19.64
N ASP A 433 9.20 -13.09 20.32
CA ASP A 433 8.38 -12.33 21.27
C ASP A 433 8.09 -10.93 20.73
N VAL A 434 7.62 -10.90 19.51
CA VAL A 434 7.18 -9.68 18.80
C VAL A 434 5.87 -10.01 18.16
N ARG A 435 5.10 -8.98 17.82
CA ARG A 435 3.84 -9.20 17.10
C ARG A 435 4.16 -9.76 15.69
N GLY A 436 3.41 -10.76 15.33
CA GLY A 436 3.50 -11.34 14.01
C GLY A 436 2.34 -10.94 13.15
N PHE A 437 2.51 -11.09 11.83
CA PHE A 437 1.48 -10.71 10.85
C PHE A 437 0.69 -11.93 10.48
N PRO A 438 -0.55 -12.11 10.95
CA PRO A 438 -1.23 -13.39 10.79
C PRO A 438 -1.64 -13.72 9.37
N LEU A 439 -1.70 -12.70 8.49
N LEU A 439 -1.69 -12.69 8.53
CA LEU A 439 -2.12 -12.96 7.10
CA LEU A 439 -2.08 -12.85 7.12
C LEU A 439 -1.06 -13.76 6.32
C LEU A 439 -1.09 -13.76 6.37
N ILE A 440 0.18 -13.72 6.77
CA ILE A 440 1.18 -14.55 6.03
C ILE A 440 0.78 -15.99 6.27
N PRO A 441 0.72 -16.84 5.23
CA PRO A 441 0.23 -18.20 5.39
C PRO A 441 0.99 -18.96 6.52
N TYR A 442 2.31 -18.81 6.56
CA TYR A 442 3.08 -19.57 7.58
C TYR A 442 2.81 -19.08 8.99
N MET A 443 2.07 -17.98 9.16
CA MET A 443 1.62 -17.48 10.46
C MET A 443 0.24 -18.02 10.76
N GLY A 444 -0.80 -17.41 10.16
CA GLY A 444 -2.17 -17.75 10.49
C GLY A 444 -2.61 -19.15 10.11
N HIS A 445 -1.93 -19.75 9.11
CA HIS A 445 -2.21 -21.10 8.66
C HIS A 445 -1.01 -22.02 8.90
N GLY A 446 -0.12 -21.66 9.78
CA GLY A 446 1.17 -22.34 9.99
C GLY A 446 1.23 -23.19 11.23
N ASN A 447 2.46 -23.48 11.62
CA ASN A 447 2.75 -24.45 12.68
C ASN A 447 2.86 -23.82 14.06
N GLY A 448 2.88 -22.51 14.14
CA GLY A 448 3.10 -21.77 15.40
C GLY A 448 1.98 -20.77 15.66
N PRO A 449 2.16 -19.95 16.72
CA PRO A 449 1.19 -18.93 17.06
C PRO A 449 0.95 -17.96 15.87
N ALA A 450 -0.31 -17.70 15.59
CA ALA A 450 -0.64 -16.87 14.42
C ALA A 450 -0.14 -15.43 14.60
N HIS A 451 -0.14 -14.96 15.84
CA HIS A 451 0.02 -13.54 16.17
C HIS A 451 1.36 -13.16 16.79
N ARG A 452 2.27 -14.13 16.97
CA ARG A 452 3.49 -13.88 17.69
C ARG A 452 4.66 -14.55 17.01
N GLY A 453 5.75 -13.85 16.90
CA GLY A 453 7.03 -14.43 16.52
C GLY A 453 7.14 -14.64 15.01
N GLY A 454 8.06 -15.51 14.64
CA GLY A 454 8.32 -15.85 13.25
C GLY A 454 9.09 -14.80 12.53
N LYS A 455 9.82 -13.96 13.22
CA LYS A 455 10.57 -12.86 12.63
C LYS A 455 12.05 -13.08 12.74
N VAL A 456 12.80 -12.47 11.84
CA VAL A 456 14.27 -12.67 11.80
C VAL A 456 15.00 -11.45 11.27
N VAL A 457 16.16 -11.12 11.79
CA VAL A 457 17.12 -10.21 11.17
C VAL A 457 18.22 -11.04 10.56
N SER A 458 18.40 -10.92 9.26
CA SER A 458 19.41 -11.62 8.47
C SER A 458 20.49 -10.65 8.11
N ASP A 459 21.70 -10.79 8.63
CA ASP A 459 22.78 -9.88 8.41
C ASP A 459 23.56 -10.29 7.17
N ALA A 460 23.39 -9.59 6.09
CA ALA A 460 24.17 -9.75 4.85
C ALA A 460 25.27 -8.75 4.69
N LEU A 461 25.68 -8.12 5.79
CA LEU A 461 26.95 -7.40 5.87
C LEU A 461 28.08 -8.42 6.09
N MET A 462 29.14 -8.19 5.37
CA MET A 462 30.34 -9.05 5.52
C MET A 462 31.18 -8.54 6.66
N PRO A 463 32.03 -9.45 7.23
CA PRO A 463 32.70 -9.06 8.48
C PRO A 463 33.52 -7.79 8.41
N THR A 464 34.22 -7.55 7.32
CA THR A 464 35.10 -6.36 7.23
C THR A 464 34.26 -5.10 7.09
N GLU A 465 32.97 -5.23 6.78
CA GLU A 465 32.13 -4.03 6.70
C GLU A 465 31.92 -3.42 8.09
N TYR A 466 32.13 -4.17 9.16
CA TYR A 466 32.06 -3.67 10.53
C TYR A 466 33.40 -3.06 10.98
N THR A 467 34.51 -3.31 10.28
CA THR A 467 35.86 -3.05 10.78
C THR A 467 36.60 -2.08 9.84
N THR A 468 37.17 -2.58 8.77
CA THR A 468 38.15 -1.86 7.92
C THR A 468 37.59 -1.50 6.55
N GLY A 469 36.51 -2.14 6.15
CA GLY A 469 35.92 -1.83 4.85
C GLY A 469 35.78 -3.06 3.96
N ARG A 470 34.93 -2.96 2.96
CA ARG A 470 34.73 -4.02 1.97
C ARG A 470 36.08 -4.48 1.43
N ASN A 471 36.23 -5.81 1.35
CA ASN A 471 37.50 -6.46 0.98
C ASN A 471 37.33 -7.31 -0.27
N TRP A 472 36.31 -7.11 -1.05
CA TRP A 472 36.07 -7.81 -2.32
C TRP A 472 35.83 -6.83 -3.43
N GLU A 473 35.89 -7.33 -4.65
CA GLU A 473 35.31 -6.74 -5.83
C GLU A 473 34.33 -7.74 -6.42
N ALA A 474 33.25 -7.33 -7.03
CA ALA A 474 32.33 -8.23 -7.68
C ALA A 474 33.03 -8.83 -8.89
N ALA A 475 32.73 -10.11 -9.15
CA ALA A 475 33.08 -10.83 -10.39
C ALA A 475 32.01 -10.54 -11.43
N ASP A 476 31.90 -9.28 -11.81
CA ASP A 476 30.90 -8.89 -12.80
C ASP A 476 31.61 -7.96 -13.83
N PHE A 477 30.84 -7.61 -14.88
CA PHE A 477 31.42 -6.77 -15.92
C PHE A 477 31.83 -5.43 -15.28
N ASN A 478 30.96 -4.88 -14.42
CA ASN A 478 31.19 -3.54 -13.89
C ASN A 478 32.48 -3.48 -13.08
N GLN A 479 32.73 -4.48 -12.21
CA GLN A 479 33.80 -4.31 -11.20
C GLN A 479 35.08 -5.09 -11.55
N SER A 480 35.03 -6.04 -12.43
N SER A 480 35.01 -6.06 -12.46
CA SER A 480 36.23 -6.89 -12.62
CA SER A 480 36.14 -7.00 -12.82
C SER A 480 36.94 -6.52 -13.93
C SER A 480 37.10 -6.42 -13.86
N TYR A 481 36.69 -5.34 -14.51
CA TYR A 481 37.40 -4.85 -15.70
C TYR A 481 37.59 -3.36 -15.55
N PRO A 482 38.71 -2.82 -16.05
CA PRO A 482 38.94 -1.38 -15.94
C PRO A 482 38.01 -0.58 -16.84
N GLU A 483 37.85 0.68 -16.47
CA GLU A 483 36.92 1.58 -17.14
C GLU A 483 37.19 1.65 -18.63
N ASP A 484 38.45 1.79 -19.02
N ASP A 484 38.41 1.85 -19.07
CA ASP A 484 38.77 2.02 -20.45
CA ASP A 484 38.68 2.02 -20.52
C ASP A 484 38.45 0.77 -21.29
C ASP A 484 38.24 0.73 -21.27
N LEU A 485 38.57 -0.43 -20.72
CA LEU A 485 38.26 -1.68 -21.42
C LEU A 485 36.74 -1.82 -21.49
N LYS A 486 36.06 -1.56 -20.37
CA LYS A 486 34.59 -1.68 -20.38
C LYS A 486 34.04 -0.80 -21.51
N GLN A 487 34.54 0.43 -21.58
CA GLN A 487 33.98 1.37 -22.57
C GLN A 487 34.25 0.87 -24.00
N LYS A 488 35.43 0.31 -24.20
CA LYS A 488 35.81 -0.22 -25.52
C LYS A 488 34.85 -1.36 -25.92
N VAL A 489 34.61 -2.25 -24.98
CA VAL A 489 33.71 -3.37 -25.23
C VAL A 489 32.34 -2.83 -25.60
N LEU A 490 31.84 -1.89 -24.83
CA LEU A 490 30.51 -1.35 -25.14
C LEU A 490 30.52 -0.64 -26.51
N ASP A 491 31.58 0.10 -26.79
CA ASP A 491 31.63 0.89 -28.07
C ASP A 491 31.69 -0.07 -29.26
N ASN A 492 32.30 -1.28 -29.08
CA ASN A 492 32.47 -2.17 -30.27
C ASN A 492 31.41 -3.29 -30.28
N TRP A 493 30.47 -3.26 -29.35
CA TRP A 493 29.50 -4.36 -29.13
C TRP A 493 28.70 -4.71 -30.36
N THR A 494 28.01 -3.74 -30.96
CA THR A 494 27.18 -4.05 -32.12
C THR A 494 28.09 -4.35 -33.34
N LYS A 495 29.28 -3.67 -33.49
CA LYS A 495 30.21 -3.81 -34.64
C LYS A 495 30.64 -5.26 -34.71
N MET A 496 30.93 -5.83 -33.50
CA MET A 496 31.46 -7.22 -33.37
C MET A 496 30.40 -8.26 -33.77
N GLY A 497 29.07 -7.95 -33.51
CA GLY A 497 27.84 -8.73 -33.86
C GLY A 497 26.90 -9.09 -32.69
N PHE A 498 27.03 -8.46 -31.54
CA PHE A 498 26.13 -8.68 -30.39
C PHE A 498 24.90 -7.77 -30.47
N SER A 499 24.00 -7.87 -29.49
CA SER A 499 22.72 -7.09 -29.55
C SER A 499 22.59 -6.00 -28.49
N HIS A 503 16.23 -0.39 -26.31
CA HIS A 503 16.24 1.09 -26.07
C HIS A 503 15.68 1.34 -24.68
N HIS A 504 16.23 2.32 -23.99
CA HIS A 504 15.93 2.55 -22.56
C HIS A 504 14.42 2.79 -22.35
N HIS A 505 13.76 3.57 -23.23
CA HIS A 505 12.31 3.92 -23.06
C HIS A 505 11.36 2.78 -23.48
N HIS A 506 11.83 1.80 -24.26
CA HIS A 506 11.01 0.74 -24.91
MN MN B . -2.80 6.49 10.51
K K C . -2.48 5.63 6.96
K K D . 27.02 -11.78 7.32
C1 BYN E . -5.46 -3.54 7.04
N1 BYN E . -6.48 -4.32 6.61
C2 BYN E . -6.66 -4.62 5.22
C3 BYN E . -5.74 -4.04 4.39
C4 BYN E . -4.76 -3.20 4.87
N2 BYN E . -4.61 -2.95 6.20
N3 BYN E . -5.75 -4.27 2.96
C5 BYN E . -5.06 -3.34 2.10
C6 BYN E . -4.14 -2.52 2.67
N4 BYN E . -3.87 -2.54 4.07
C7 BYN E . -5.36 -3.32 0.69
C8 BYN E . -4.63 -2.37 -0.09
C9 BYN E . -3.68 -1.58 0.47
C10 BYN E . -3.42 -1.62 1.84
C11 BYN E . -6.37 -5.37 2.51
C12 BYN E . -6.20 -5.61 1.01
C13 BYN E . -6.46 -4.29 0.27
O1 BYN E . -5.45 -3.29 8.29
C14 BYN E . -2.81 -0.62 -0.33
C15 BYN E . -4.93 -2.22 -1.56
O2 BYN E . -5.74 -6.66 3.03
C16 BYN E . -6.55 -4.68 -1.20
C17 BYN E . -7.83 -3.68 0.66
C18 BYN E . -2.74 -1.88 4.63
O3 BYN E . -7.66 -5.26 4.95
C19 BYN E . -2.99 -0.58 5.34
C20 BYN E . -1.67 0.04 5.85
C21 BYN E . -1.82 1.42 6.46
C22 BYN E . -2.97 1.48 7.47
O4 BYN E . -3.60 0.34 4.43
O5 BYN E . -1.15 -0.86 6.83
O6 BYN E . -0.60 1.80 7.08
O7 BYN E . -3.14 2.86 7.91
P1 BYN E . -2.84 3.30 9.41
O8 BYN E . -3.46 4.69 9.48
O9 BYN E . -3.48 2.28 10.31
O10 BYN E . -1.35 3.34 9.56
O2 FIV F . -4.74 -8.75 1.44
C11 FIV F . -5.22 -8.22 2.56
O1 FIV F . -6.51 -8.54 2.77
C7 FIV F . -4.33 -7.33 3.44
C8 FIV F . -3.27 -6.60 2.89
C3 FIV F . -2.39 -5.89 3.63
C5 FIV F . -4.53 -7.19 4.78
C2 FIV F . -3.63 -6.41 5.53
C6 FIV F . -3.75 -6.22 6.86
C10 FIV F . -2.88 -5.52 7.57
C9 FIV F . -1.82 -4.92 7.01
C4 FIV F . -1.61 -5.00 5.68
C1 FIV F . -2.53 -5.74 4.91
C1 PEG G . -11.98 -5.11 16.44
O1 PEG G . -11.93 -3.91 17.38
C2 PEG G . -13.40 -5.56 15.92
O2 PEG G . -14.34 -5.45 16.98
C3 PEG G . -15.66 -5.92 16.75
C4 PEG G . -16.38 -5.92 18.08
O4 PEG G . -16.92 -4.69 18.36
#